data_3TM0
#
_entry.id   3TM0
#
_cell.length_a   80.112
_cell.length_b   80.112
_cell.length_c   110.600
_cell.angle_alpha   90.00
_cell.angle_beta   90.00
_cell.angle_gamma   90.00
#
_symmetry.space_group_name_H-M   'P 42 21 2'
#
loop_
_entity.id
_entity.type
_entity.pdbx_description
1 polymer "Aminoglycoside 3'-phosphotransferase"
2 non-polymer 'PHOSPHOAMINOPHOSPHONIC ACID-ADENYLATE ESTER'
3 non-polymer (2S)-4-amino-N-[(1R,2S,3R,4R,5S)-5-amino-4-[(2,6-diamino-2,6-dideoxy-alpha-D-glucopyranosyl)oxy]-2-hydroxy-3-(beta-D-xylofuranosyloxy)cyclohexyl]-2-hydroxybutanamide
4 non-polymer 'MAGNESIUM ION'
5 water water
#
_entity_poly.entity_id   1
_entity_poly.type   'polypeptide(L)'
_entity_poly.pdbx_seq_one_letter_code
;AKMRISPELKKLIEKYRCVKDTEGMSPAKVYKLVGENENLYLKMTDSRYKGTTYDVEREKDMMLWLEGKLPVPKVLHFER
HDGWSNLLMSEADGVLCSEEYEDEQSPEKIIELYAECIRLFHSIDISDCPYTNSLDSRLAELDYLLNNDLADVDCENWEE
DTPFKDPRELYDFLKTEKPEEELVFSHGDLGDSNIFVKDGKVSGFIDLGRSGRADKWYDIAFCVRSIREDIGEEQYVELF
FDLLGIKPDWEKIKYYILLDELF
;
_entity_poly.pdbx_strand_id   A
#
# COMPACT_ATOMS: atom_id res chain seq x y z
N ALA A 1 4.62 -24.50 16.08
CA ALA A 1 3.71 -25.58 16.47
C ALA A 1 2.45 -25.06 17.17
N LYS A 2 1.53 -25.97 17.47
CA LYS A 2 0.18 -25.65 17.94
C LYS A 2 -0.59 -24.78 16.93
N MET A 3 -0.65 -23.46 17.16
CA MET A 3 -1.43 -22.57 16.29
C MET A 3 -0.71 -21.27 15.89
N ARG A 4 -1.12 -20.68 14.78
CA ARG A 4 -0.60 -19.38 14.36
C ARG A 4 -1.39 -18.23 14.98
N ILE A 5 -2.60 -18.54 15.42
CA ILE A 5 -3.44 -17.57 16.10
C ILE A 5 -3.70 -18.01 17.55
N SER A 6 -3.88 -17.04 18.45
CA SER A 6 -4.11 -17.34 19.85
C SER A 6 -5.50 -17.92 20.07
N PRO A 7 -5.71 -18.57 21.24
CA PRO A 7 -7.04 -19.10 21.60
C PRO A 7 -8.09 -18.01 21.61
N GLU A 8 -7.76 -16.80 22.04
CA GLU A 8 -8.77 -15.74 22.10
C GLU A 8 -9.12 -15.25 20.70
N LEU A 9 -8.12 -15.09 19.84
CA LEU A 9 -8.40 -14.73 18.45
C LEU A 9 -9.26 -15.81 17.77
N LYS A 10 -8.92 -17.08 18.00
CA LYS A 10 -9.72 -18.17 17.43
C LYS A 10 -11.17 -18.10 17.90
N LYS A 11 -11.34 -17.79 19.19
CA LYS A 11 -12.68 -17.64 19.76
C LYS A 11 -13.42 -16.51 19.06
N LEU A 12 -12.71 -15.44 18.78
CA LEU A 12 -13.31 -14.31 18.07
C LEU A 12 -13.85 -14.67 16.68
N ILE A 13 -13.16 -15.57 15.98
CA ILE A 13 -13.49 -15.81 14.57
C ILE A 13 -14.17 -17.17 14.24
N GLU A 14 -14.36 -18.03 15.22
CA GLU A 14 -14.81 -19.39 14.96
C GLU A 14 -16.20 -19.51 14.34
N LYS A 15 -17.07 -18.55 14.64
CA LYS A 15 -18.40 -18.51 14.01
C LYS A 15 -18.34 -18.13 12.52
N TYR A 16 -17.19 -17.59 12.07
CA TYR A 16 -17.06 -17.13 10.69
C TYR A 16 -16.55 -18.23 9.73
N ARG A 17 -17.02 -18.22 8.48
CA ARG A 17 -16.43 -19.06 7.43
C ARG A 17 -15.23 -18.36 6.81
N CYS A 18 -14.05 -18.93 6.99
CA CYS A 18 -12.81 -18.38 6.43
C CYS A 18 -12.66 -18.66 4.93
N VAL A 19 -12.47 -17.60 4.15
CA VAL A 19 -12.22 -17.72 2.72
C VAL A 19 -10.87 -17.05 2.40
N LYS A 20 -9.92 -17.78 1.85
CA LYS A 20 -8.58 -17.21 1.59
C LYS A 20 -8.61 -16.28 0.39
N ASP A 21 -8.10 -15.06 0.56
CA ASP A 21 -7.99 -14.14 -0.56
C ASP A 21 -6.91 -14.58 -1.55
N THR A 22 -7.27 -14.62 -2.83
CA THR A 22 -6.36 -15.08 -3.87
C THR A 22 -5.60 -13.94 -4.55
N GLU A 23 -6.31 -12.86 -4.88
CA GLU A 23 -5.69 -11.69 -5.48
C GLU A 23 -4.97 -10.86 -4.42
N GLY A 24 -3.65 -10.96 -4.42
CA GLY A 24 -2.82 -10.36 -3.38
C GLY A 24 -1.51 -11.11 -3.40
N MET A 25 -0.43 -10.40 -3.71
CA MET A 25 0.87 -11.06 -3.93
C MET A 25 1.98 -10.58 -3.00
N SER A 26 1.61 -10.17 -1.78
CA SER A 26 2.59 -9.81 -0.77
C SER A 26 2.87 -11.06 0.11
N PRO A 27 3.85 -10.96 1.04
CA PRO A 27 4.16 -11.98 2.04
C PRO A 27 3.13 -12.12 3.16
N ALA A 28 2.09 -11.29 3.15
CA ALA A 28 1.03 -11.41 4.16
C ALA A 28 0.03 -12.44 3.71
N LYS A 29 -0.62 -13.09 4.66
CA LYS A 29 -1.79 -13.89 4.34
C LYS A 29 -3.01 -13.07 4.66
N VAL A 30 -3.98 -13.08 3.75
CA VAL A 30 -5.23 -12.35 3.94
C VAL A 30 -6.42 -13.31 3.86
N TYR A 31 -7.29 -13.27 4.87
CA TYR A 31 -8.45 -14.14 4.95
C TYR A 31 -9.72 -13.33 5.15
N LYS A 32 -10.71 -13.59 4.30
CA LYS A 32 -12.02 -13.01 4.45
C LYS A 32 -12.83 -13.91 5.37
N LEU A 33 -13.43 -13.33 6.39
CA LEU A 33 -14.19 -14.09 7.37
C LEU A 33 -15.66 -13.75 7.19
N VAL A 34 -16.41 -14.73 6.68
CA VAL A 34 -17.81 -14.51 6.32
C VAL A 34 -18.73 -14.88 7.45
N GLY A 35 -19.39 -13.87 8.03
CA GLY A 35 -20.29 -14.08 9.14
C GLY A 35 -21.75 -13.90 8.75
N GLU A 36 -22.64 -14.08 9.73
CA GLU A 36 -24.07 -13.97 9.50
C GLU A 36 -24.51 -12.54 9.10
N ASN A 37 -23.85 -11.54 9.69
CA ASN A 37 -24.26 -10.14 9.57
C ASN A 37 -23.19 -9.18 9.04
N GLU A 38 -21.99 -9.68 8.82
CA GLU A 38 -20.91 -8.86 8.31
C GLU A 38 -19.74 -9.75 7.98
N ASN A 39 -18.81 -9.23 7.18
CA ASN A 39 -17.53 -9.89 6.94
C ASN A 39 -16.42 -9.20 7.72
N LEU A 40 -15.41 -9.96 8.17
CA LEU A 40 -14.20 -9.36 8.73
C LEU A 40 -13.04 -9.80 7.86
N TYR A 41 -11.90 -9.14 8.02
CA TYR A 41 -10.68 -9.59 7.38
C TYR A 41 -9.61 -9.81 8.42
N LEU A 42 -8.84 -10.88 8.23
CA LEU A 42 -7.71 -11.20 9.08
C LEU A 42 -6.46 -11.22 8.22
N LYS A 43 -5.46 -10.45 8.62
CA LYS A 43 -4.24 -10.33 7.84
C LYS A 43 -3.03 -10.65 8.73
N MET A 44 -2.11 -11.48 8.22
CA MET A 44 -1.02 -12.01 9.05
C MET A 44 0.30 -11.97 8.32
N THR A 45 1.36 -11.55 9.01
CA THR A 45 2.73 -11.65 8.50
C THR A 45 3.62 -12.36 9.52
N ASP A 46 4.62 -13.09 9.04
CA ASP A 46 5.52 -13.79 9.96
C ASP A 46 6.69 -12.92 10.41
N SER A 47 7.45 -13.44 11.37
CA SER A 47 8.49 -12.70 12.05
C SER A 47 9.60 -12.20 11.12
N ARG A 48 9.79 -12.85 9.98
CA ARG A 48 10.82 -12.40 9.06
C ARG A 48 10.58 -10.94 8.64
N TYR A 49 9.32 -10.53 8.65
CA TYR A 49 8.95 -9.20 8.16
C TYR A 49 8.72 -8.17 9.25
N LYS A 50 9.03 -8.54 10.48
CA LYS A 50 8.91 -7.62 11.60
C LYS A 50 9.75 -6.37 11.34
N GLY A 51 9.15 -5.19 11.47
CA GLY A 51 9.89 -3.95 11.34
C GLY A 51 9.92 -3.40 9.92
N THR A 52 9.46 -4.18 8.96
CA THR A 52 9.44 -3.72 7.57
C THR A 52 8.06 -3.14 7.28
N THR A 53 7.93 -2.50 6.14
CA THR A 53 6.65 -1.94 5.73
C THR A 53 5.67 -3.02 5.26
N TYR A 54 6.05 -4.29 5.42
CA TYR A 54 5.08 -5.37 5.22
C TYR A 54 4.46 -5.74 6.57
N ASP A 55 5.13 -5.34 7.65
CA ASP A 55 4.76 -5.76 9.02
C ASP A 55 3.32 -5.36 9.31
N VAL A 56 2.47 -6.37 9.47
CA VAL A 56 1.07 -6.13 9.85
C VAL A 56 0.90 -5.36 11.17
N GLU A 57 1.87 -5.43 12.07
CA GLU A 57 1.79 -4.59 13.28
C GLU A 57 1.91 -3.09 12.95
N ARG A 58 2.75 -2.79 11.97
CA ARG A 58 3.00 -1.41 11.54
C ARG A 58 1.75 -0.90 10.82
N GLU A 59 1.16 -1.78 10.04
CA GLU A 59 -0.13 -1.52 9.38
C GLU A 59 -1.24 -1.25 10.40
N LYS A 60 -1.30 -2.07 11.44
CA LYS A 60 -2.23 -1.87 12.55
C LYS A 60 -2.07 -0.49 13.20
N ASP A 61 -0.83 -0.09 13.49
CA ASP A 61 -0.58 1.24 14.08
C ASP A 61 -1.10 2.36 13.20
N MET A 62 -0.84 2.28 11.90
CA MET A 62 -1.30 3.32 10.98
C MET A 62 -2.82 3.28 10.86
N MET A 63 -3.41 2.09 10.89
CA MET A 63 -4.87 1.98 10.79
C MET A 63 -5.53 2.67 11.97
N LEU A 64 -4.99 2.47 13.18
CA LEU A 64 -5.51 3.13 14.38
C LEU A 64 -5.34 4.63 14.29
N TRP A 65 -4.15 5.05 13.89
CA TRP A 65 -3.83 6.47 13.83
C TRP A 65 -4.73 7.16 12.82
N LEU A 66 -5.08 6.46 11.74
CA LEU A 66 -5.82 7.09 10.65
C LEU A 66 -7.31 7.26 10.95
N GLU A 67 -7.80 6.56 11.96
CA GLU A 67 -9.23 6.63 12.29
C GLU A 67 -9.60 8.08 12.56
N GLY A 68 -10.64 8.57 11.89
CA GLY A 68 -11.01 9.97 11.99
C GLY A 68 -10.26 10.88 11.02
N LYS A 69 -9.25 10.34 10.32
CA LYS A 69 -8.47 11.15 9.38
C LYS A 69 -8.76 10.70 7.95
N LEU A 70 -8.74 9.39 7.75
CA LEU A 70 -9.09 8.81 6.46
C LEU A 70 -10.05 7.70 6.76
N PRO A 71 -10.96 7.41 5.81
CA PRO A 71 -11.82 6.24 6.02
C PRO A 71 -10.97 4.97 5.87
N VAL A 72 -10.91 4.17 6.93
CA VAL A 72 -10.11 2.95 6.96
C VAL A 72 -10.87 1.88 7.75
N PRO A 73 -10.47 0.61 7.64
CA PRO A 73 -11.18 -0.39 8.45
C PRO A 73 -11.01 -0.13 9.94
N LYS A 74 -11.90 -0.69 10.73
CA LYS A 74 -11.76 -0.64 12.17
C LYS A 74 -10.84 -1.78 12.64
N VAL A 75 -9.87 -1.49 13.50
CA VAL A 75 -9.04 -2.54 14.10
C VAL A 75 -9.83 -3.20 15.22
N LEU A 76 -10.06 -4.51 15.11
CA LEU A 76 -10.89 -5.22 16.07
C LEU A 76 -10.02 -6.02 17.02
N HIS A 77 -8.89 -6.51 16.54
CA HIS A 77 -7.96 -7.24 17.38
C HIS A 77 -6.59 -7.26 16.75
N PHE A 78 -5.57 -7.14 17.58
CA PHE A 78 -4.21 -7.35 17.14
C PHE A 78 -3.49 -8.20 18.17
N GLU A 79 -2.54 -9.00 17.71
CA GLU A 79 -1.73 -9.81 18.61
C GLU A 79 -0.47 -10.26 17.90
N ARG A 80 0.54 -10.58 18.69
CA ARG A 80 1.69 -11.32 18.22
C ARG A 80 1.60 -12.73 18.81
N HIS A 81 1.59 -13.73 17.94
CA HIS A 81 1.48 -15.12 18.39
C HIS A 81 2.50 -16.02 17.71
N ASP A 82 3.43 -16.55 18.50
CA ASP A 82 4.46 -17.45 18.01
C ASP A 82 5.10 -17.00 16.69
N GLY A 83 5.62 -15.78 16.68
CA GLY A 83 6.30 -15.25 15.50
C GLY A 83 5.39 -14.45 14.59
N TRP A 84 4.11 -14.79 14.59
CA TRP A 84 3.14 -14.17 13.70
C TRP A 84 2.56 -12.86 14.24
N SER A 85 2.39 -11.87 13.38
CA SER A 85 1.66 -10.66 13.74
C SER A 85 0.29 -10.76 13.08
N ASN A 86 -0.77 -10.73 13.88
CA ASN A 86 -2.12 -10.97 13.36
C ASN A 86 -3.03 -9.78 13.57
N LEU A 87 -3.63 -9.29 12.48
CA LEU A 87 -4.58 -8.18 12.54
C LEU A 87 -6.00 -8.56 12.06
N LEU A 88 -6.98 -8.48 12.97
CA LEU A 88 -8.40 -8.67 12.62
C LEU A 88 -9.04 -7.29 12.48
N MET A 89 -9.69 -7.04 11.35
CA MET A 89 -10.25 -5.73 11.04
C MET A 89 -11.65 -5.86 10.44
N SER A 90 -12.40 -4.76 10.43
CA SER A 90 -13.69 -4.76 9.75
C SER A 90 -13.52 -4.67 8.24
N GLU A 91 -14.61 -4.91 7.52
CA GLU A 91 -14.62 -4.80 6.07
C GLU A 91 -14.70 -3.35 5.63
N ALA A 92 -13.91 -2.95 4.63
CA ALA A 92 -13.94 -1.56 4.22
C ALA A 92 -15.34 -1.21 3.75
N ASP A 93 -15.66 0.07 3.76
CA ASP A 93 -16.95 0.54 3.29
C ASP A 93 -16.90 0.79 1.78
N GLY A 94 -17.92 0.33 1.06
CA GLY A 94 -18.01 0.59 -0.37
C GLY A 94 -17.52 -0.54 -1.27
N VAL A 95 -17.14 -0.16 -2.49
CA VAL A 95 -16.77 -1.13 -3.53
C VAL A 95 -15.30 -0.92 -3.91
N LEU A 96 -14.56 -2.01 -4.05
CA LEU A 96 -13.16 -1.92 -4.43
C LEU A 96 -13.06 -1.08 -5.71
N CYS A 97 -12.11 -0.16 -5.78
CA CYS A 97 -12.10 0.82 -6.86
C CYS A 97 -11.89 0.13 -8.20
N SER A 98 -11.02 -0.88 -8.20
CA SER A 98 -10.72 -1.63 -9.41
C SER A 98 -11.98 -2.35 -9.91
N GLU A 99 -12.93 -2.61 -9.02
CA GLU A 99 -14.17 -3.28 -9.41
C GLU A 99 -15.27 -2.31 -9.86
N GLU A 100 -15.35 -1.15 -9.23
CA GLU A 100 -16.37 -0.14 -9.56
C GLU A 100 -16.12 0.51 -10.93
N TYR A 101 -14.86 0.85 -11.21
CA TYR A 101 -14.50 1.58 -12.44
C TYR A 101 -13.43 0.87 -13.25
N GLU A 102 -13.77 0.49 -14.48
CA GLU A 102 -12.82 -0.15 -15.39
C GLU A 102 -12.13 0.88 -16.29
N ASP A 103 -10.88 0.60 -16.67
CA ASP A 103 -10.07 1.58 -17.40
C ASP A 103 -10.61 1.96 -18.77
N GLU A 104 -11.29 1.02 -19.43
CA GLU A 104 -11.82 1.29 -20.76
C GLU A 104 -13.00 2.28 -20.72
N GLN A 105 -13.72 2.33 -19.61
CA GLN A 105 -14.98 3.06 -19.58
C GLN A 105 -14.99 4.38 -18.81
N SER A 106 -14.29 4.46 -17.66
CA SER A 106 -14.35 5.67 -16.84
C SER A 106 -12.99 6.34 -16.57
N PRO A 107 -12.19 6.57 -17.63
CA PRO A 107 -10.86 7.15 -17.48
C PRO A 107 -10.85 8.45 -16.68
N GLU A 108 -11.74 9.38 -17.02
CA GLU A 108 -11.75 10.68 -16.34
C GLU A 108 -12.09 10.56 -14.85
N LYS A 109 -13.01 9.66 -14.51
CA LYS A 109 -13.37 9.46 -13.10
C LYS A 109 -12.20 8.91 -12.29
N ILE A 110 -11.50 7.94 -12.88
CA ILE A 110 -10.36 7.32 -12.23
C ILE A 110 -9.30 8.39 -11.96
N ILE A 111 -8.97 9.17 -12.97
CA ILE A 111 -8.02 10.28 -12.80
C ILE A 111 -8.50 11.18 -11.67
N GLU A 112 -9.77 11.55 -11.71
CA GLU A 112 -10.37 12.39 -10.70
C GLU A 112 -10.23 11.82 -9.29
N LEU A 113 -10.42 10.51 -9.15
CA LEU A 113 -10.32 9.86 -7.84
C LEU A 113 -8.90 9.94 -7.30
N TYR A 114 -7.94 9.60 -8.16
CA TYR A 114 -6.55 9.57 -7.75
C TYR A 114 -6.19 10.97 -7.26
N ALA A 115 -6.55 11.98 -8.06
CA ALA A 115 -6.31 13.37 -7.73
C ALA A 115 -6.87 13.73 -6.36
N GLU A 116 -8.06 13.26 -6.08
CA GLU A 116 -8.70 13.52 -4.79
C GLU A 116 -7.97 12.80 -3.65
N CYS A 117 -7.36 11.66 -3.94
CA CYS A 117 -6.57 11.01 -2.92
C CYS A 117 -5.40 11.92 -2.53
N ILE A 118 -4.73 12.45 -3.54
CA ILE A 118 -3.56 13.28 -3.30
C ILE A 118 -3.95 14.48 -2.46
N ARG A 119 -5.05 15.13 -2.83
CA ARG A 119 -5.51 16.33 -2.14
C ARG A 119 -5.83 16.01 -0.67
N LEU A 120 -6.58 14.95 -0.48
CA LEU A 120 -6.95 14.48 0.85
C LEU A 120 -5.70 14.20 1.69
N PHE A 121 -4.75 13.49 1.11
CA PHE A 121 -3.53 13.13 1.84
C PHE A 121 -2.78 14.39 2.29
N HIS A 122 -2.79 15.42 1.46
CA HIS A 122 -2.04 16.63 1.75
C HIS A 122 -2.65 17.44 2.89
N SER A 123 -3.92 17.18 3.18
CA SER A 123 -4.63 17.88 4.25
C SER A 123 -4.42 17.20 5.61
N ILE A 124 -3.84 16.02 5.60
CA ILE A 124 -3.66 15.28 6.84
C ILE A 124 -2.49 15.79 7.68
N ASP A 125 -2.77 16.06 8.96
CA ASP A 125 -1.74 16.53 9.89
C ASP A 125 -0.84 15.35 10.26
N ILE A 126 0.45 15.45 9.97
CA ILE A 126 1.39 14.37 10.29
C ILE A 126 2.29 14.65 11.50
N SER A 127 1.97 15.68 12.26
CA SER A 127 2.70 16.02 13.49
C SER A 127 3.04 14.79 14.34
N ASP A 128 2.04 13.96 14.62
CA ASP A 128 2.23 12.80 15.48
C ASP A 128 2.06 11.50 14.70
N CYS A 129 2.34 11.52 13.40
CA CYS A 129 2.28 10.30 12.59
C CYS A 129 3.28 9.29 13.15
N PRO A 130 2.84 8.04 13.38
CA PRO A 130 3.68 7.02 14.03
C PRO A 130 4.96 6.68 13.29
N TYR A 131 4.96 6.75 11.95
CA TYR A 131 6.11 6.31 11.18
C TYR A 131 6.56 7.32 10.16
N THR A 132 7.87 7.37 9.93
CA THR A 132 8.46 8.24 8.94
C THR A 132 9.13 7.34 7.92
N ASN A 133 8.55 7.27 6.72
CA ASN A 133 9.08 6.44 5.67
C ASN A 133 10.00 7.25 4.77
N SER A 134 11.03 7.83 5.38
CA SER A 134 12.07 8.50 4.65
C SER A 134 12.80 7.50 3.78
N LEU A 135 13.50 7.99 2.76
CA LEU A 135 14.26 7.12 1.89
C LEU A 135 15.35 6.37 2.67
N ASP A 136 15.95 7.02 3.65
CA ASP A 136 16.95 6.34 4.46
C ASP A 136 16.33 5.11 5.12
N SER A 137 15.09 5.26 5.57
CA SER A 137 14.37 4.17 6.23
C SER A 137 13.99 3.09 5.23
N ARG A 138 13.47 3.52 4.08
CA ARG A 138 13.06 2.57 3.04
C ARG A 138 14.31 1.87 2.51
N LEU A 139 15.38 2.61 2.32
CA LEU A 139 16.59 2.00 1.79
C LEU A 139 17.18 1.01 2.78
N ALA A 140 17.14 1.36 4.06
CA ALA A 140 17.63 0.45 5.08
C ALA A 140 16.81 -0.85 5.07
N GLU A 141 15.50 -0.74 4.90
CA GLU A 141 14.70 -1.96 4.89
C GLU A 141 14.91 -2.76 3.61
N LEU A 142 15.10 -2.07 2.48
CA LEU A 142 15.36 -2.78 1.22
C LEU A 142 16.67 -3.55 1.30
N ASP A 143 17.66 -2.98 1.98
CA ASP A 143 18.95 -3.62 2.16
C ASP A 143 18.76 -4.88 3.00
N TYR A 144 18.01 -4.75 4.09
CA TYR A 144 17.64 -5.90 4.91
C TYR A 144 16.90 -6.98 4.11
N LEU A 145 15.94 -6.58 3.28
CA LEU A 145 15.17 -7.55 2.51
C LEU A 145 16.07 -8.29 1.52
N LEU A 146 16.93 -7.56 0.82
CA LEU A 146 17.80 -8.17 -0.17
C LEU A 146 18.76 -9.15 0.49
N ASN A 147 19.42 -8.71 1.56
CA ASN A 147 20.32 -9.58 2.32
C ASN A 147 19.68 -10.89 2.76
N ASN A 148 18.39 -10.88 3.06
CA ASN A 148 17.75 -12.05 3.63
C ASN A 148 16.81 -12.76 2.68
N ASP A 149 16.89 -12.41 1.40
CA ASP A 149 16.12 -13.10 0.38
C ASP A 149 14.61 -12.94 0.58
N LEU A 150 14.19 -11.75 1.01
CA LEU A 150 12.78 -11.49 1.30
C LEU A 150 12.14 -10.49 0.35
N ALA A 151 12.92 -9.92 -0.56
CA ALA A 151 12.38 -8.94 -1.50
C ALA A 151 11.72 -9.65 -2.68
N ASP A 152 11.05 -8.86 -3.52
CA ASP A 152 10.39 -9.38 -4.73
C ASP A 152 11.35 -9.28 -5.93
N VAL A 153 12.35 -10.15 -5.96
CA VAL A 153 13.46 -10.02 -6.88
C VAL A 153 13.28 -10.82 -8.16
N ASP A 154 12.28 -11.70 -8.15
CA ASP A 154 12.05 -12.62 -9.24
C ASP A 154 11.27 -12.03 -10.43
N CYS A 155 11.05 -12.89 -11.44
CA CYS A 155 10.18 -12.60 -12.58
C CYS A 155 10.66 -11.48 -13.49
N GLU A 156 9.92 -10.37 -13.53
CA GLU A 156 10.21 -9.35 -14.53
C GLU A 156 11.62 -8.75 -14.40
N ASN A 157 12.26 -8.96 -13.26
CA ASN A 157 13.62 -8.44 -13.06
C ASN A 157 14.74 -9.33 -13.64
N TRP A 158 14.32 -10.42 -14.28
CA TRP A 158 15.21 -11.37 -14.96
C TRP A 158 15.25 -11.11 -16.47
N GLU A 159 14.28 -10.34 -16.95
CA GLU A 159 14.15 -10.08 -18.39
C GLU A 159 15.35 -9.28 -18.85
N GLU A 160 15.83 -9.55 -20.07
CA GLU A 160 17.07 -8.94 -20.54
C GLU A 160 16.95 -7.43 -20.77
N ASP A 161 15.71 -6.93 -20.82
CA ASP A 161 15.48 -5.52 -21.11
C ASP A 161 15.35 -4.71 -19.82
N THR A 162 15.61 -5.33 -18.69
CA THR A 162 15.47 -4.65 -17.42
C THR A 162 16.52 -3.55 -17.27
N PRO A 163 16.09 -2.35 -16.84
CA PRO A 163 16.96 -1.16 -16.75
C PRO A 163 18.22 -1.44 -15.91
N PHE A 164 18.10 -2.32 -14.94
CA PHE A 164 19.22 -2.77 -14.13
C PHE A 164 19.30 -4.31 -14.15
N LYS A 165 20.52 -4.85 -14.20
CA LYS A 165 20.72 -6.27 -14.49
C LYS A 165 20.55 -7.17 -13.27
N ASP A 166 20.63 -6.57 -12.09
CA ASP A 166 20.35 -7.29 -10.85
C ASP A 166 19.94 -6.32 -9.73
N PRO A 167 19.38 -6.86 -8.65
CA PRO A 167 18.78 -6.03 -7.60
C PRO A 167 19.73 -5.01 -6.96
N ARG A 168 20.99 -5.38 -6.74
CA ARG A 168 21.95 -4.46 -6.13
C ARG A 168 22.26 -3.26 -7.03
N GLU A 169 22.12 -3.44 -8.33
CA GLU A 169 22.33 -2.34 -9.27
C GLU A 169 21.22 -1.30 -9.16
N LEU A 170 20.01 -1.78 -8.97
CA LEU A 170 18.86 -0.90 -8.76
C LEU A 170 19.03 -0.23 -7.40
N TYR A 171 19.36 -1.05 -6.41
CA TYR A 171 19.58 -0.58 -5.05
C TYR A 171 20.59 0.56 -5.03
N ASP A 172 21.66 0.42 -5.82
CA ASP A 172 22.71 1.43 -5.88
C ASP A 172 22.16 2.73 -6.40
N PHE A 173 21.36 2.66 -7.46
CA PHE A 173 20.72 3.85 -8.01
C PHE A 173 19.92 4.56 -6.91
N LEU A 174 19.07 3.79 -6.24
CA LEU A 174 18.15 4.34 -5.25
C LEU A 174 18.93 4.97 -4.11
N LYS A 175 20.04 4.32 -3.76
CA LYS A 175 20.84 4.74 -2.62
C LYS A 175 21.60 6.02 -2.92
N THR A 176 22.08 6.16 -4.16
CA THR A 176 22.99 7.24 -4.53
C THR A 176 22.31 8.42 -5.25
N GLU A 177 21.04 8.27 -5.62
CA GLU A 177 20.33 9.35 -6.31
C GLU A 177 19.03 9.74 -5.62
N LYS A 178 19.06 9.74 -4.29
CA LYS A 178 17.91 10.12 -3.50
C LYS A 178 17.56 11.57 -3.82
N PRO A 179 16.29 11.83 -4.13
CA PRO A 179 15.89 13.22 -4.33
C PRO A 179 15.61 13.89 -3.00
N GLU A 180 15.48 15.20 -3.04
CA GLU A 180 15.07 15.98 -1.88
C GLU A 180 13.71 15.47 -1.41
N GLU A 181 13.50 15.47 -0.11
CA GLU A 181 12.24 15.00 0.43
C GLU A 181 11.54 16.06 1.25
N GLU A 182 10.29 16.32 0.90
CA GLU A 182 9.40 17.19 1.67
C GLU A 182 8.24 16.33 2.18
N LEU A 183 8.21 16.08 3.49
CA LEU A 183 7.34 15.05 4.07
C LEU A 183 5.87 15.41 4.19
N VAL A 184 5.01 14.49 3.74
CA VAL A 184 3.56 14.58 3.96
C VAL A 184 3.03 13.19 4.22
N PHE A 185 1.75 13.09 4.53
CA PHE A 185 1.15 11.79 4.66
C PHE A 185 1.19 11.06 3.33
N SER A 186 1.65 9.82 3.38
CA SER A 186 1.79 9.01 2.19
C SER A 186 1.14 7.65 2.47
N HIS A 187 0.33 7.17 1.52
CA HIS A 187 -0.26 5.84 1.62
C HIS A 187 0.77 4.70 1.47
N GLY A 188 1.70 4.85 0.53
CA GLY A 188 2.77 3.87 0.39
C GLY A 188 2.54 2.84 -0.70
N ASP A 189 1.28 2.51 -0.97
CA ASP A 189 0.95 1.67 -2.11
C ASP A 189 -0.38 2.06 -2.70
N LEU A 190 -0.47 3.29 -3.20
CA LEU A 190 -1.73 3.83 -3.69
C LEU A 190 -2.04 3.22 -5.05
N GLY A 191 -3.07 2.39 -5.11
CA GLY A 191 -3.46 1.69 -6.32
C GLY A 191 -4.94 1.30 -6.26
N ASP A 192 -5.53 0.93 -7.40
CA ASP A 192 -6.98 0.73 -7.45
C ASP A 192 -7.51 -0.47 -6.66
N SER A 193 -6.64 -1.35 -6.18
CA SER A 193 -7.14 -2.44 -5.33
C SER A 193 -6.90 -2.26 -3.84
N ASN A 194 -6.35 -1.12 -3.44
CA ASN A 194 -6.21 -0.78 -2.03
C ASN A 194 -7.13 0.40 -1.68
N ILE A 195 -8.07 0.71 -2.56
CA ILE A 195 -8.96 1.85 -2.37
C ILE A 195 -10.39 1.47 -2.68
N PHE A 196 -11.29 1.93 -1.84
CA PHE A 196 -12.72 1.69 -2.05
C PHE A 196 -13.42 3.00 -2.40
N VAL A 197 -14.48 2.90 -3.19
CA VAL A 197 -15.28 4.06 -3.55
C VAL A 197 -16.75 3.79 -3.26
N LYS A 198 -17.50 4.86 -3.05
CA LYS A 198 -18.94 4.75 -2.84
C LYS A 198 -19.55 6.10 -3.18
N ASP A 199 -20.59 6.08 -4.00
CA ASP A 199 -21.24 7.33 -4.44
C ASP A 199 -20.23 8.25 -5.12
N GLY A 200 -19.32 7.66 -5.89
CA GLY A 200 -18.36 8.42 -6.68
C GLY A 200 -17.28 9.11 -5.86
N LYS A 201 -17.19 8.76 -4.58
CA LYS A 201 -16.15 9.29 -3.71
C LYS A 201 -15.34 8.16 -3.06
N VAL A 202 -14.10 8.47 -2.69
CA VAL A 202 -13.27 7.51 -1.98
C VAL A 202 -13.92 7.21 -0.63
N SER A 203 -14.05 5.93 -0.31
CA SER A 203 -14.77 5.53 0.89
C SER A 203 -13.96 4.65 1.84
N GLY A 204 -12.73 4.34 1.46
CA GLY A 204 -11.91 3.52 2.31
C GLY A 204 -10.53 3.29 1.73
N PHE A 205 -9.54 3.20 2.60
CA PHE A 205 -8.18 2.83 2.23
C PHE A 205 -7.76 1.60 3.03
N ILE A 206 -7.11 0.64 2.37
CA ILE A 206 -6.56 -0.54 3.03
C ILE A 206 -5.09 -0.74 2.64
N ASP A 207 -4.46 -1.78 3.19
CA ASP A 207 -3.08 -2.09 2.82
C ASP A 207 -2.16 -0.95 3.25
N LEU A 208 -1.98 -0.81 4.57
CA LEU A 208 -1.46 0.43 5.13
C LEU A 208 -0.09 0.28 5.78
N GLY A 209 0.54 -0.88 5.59
CA GLY A 209 1.83 -1.14 6.21
C GLY A 209 2.92 -0.18 5.80
N ARG A 210 2.75 0.41 4.61
CA ARG A 210 3.75 1.31 4.03
C ARG A 210 3.33 2.79 4.14
N SER A 211 2.24 3.08 4.87
CA SER A 211 1.77 4.45 5.00
C SER A 211 2.49 5.16 6.17
N GLY A 212 2.49 6.49 6.15
CA GLY A 212 3.30 7.26 7.06
C GLY A 212 3.82 8.52 6.38
N ARG A 213 4.83 9.16 6.95
CA ARG A 213 5.39 10.35 6.34
C ARG A 213 6.30 9.95 5.19
N ALA A 214 6.11 10.56 4.03
CA ALA A 214 7.01 10.35 2.91
C ALA A 214 6.91 11.54 1.99
N ASP A 215 7.79 11.63 1.00
CA ASP A 215 7.72 12.76 0.08
C ASP A 215 6.42 12.76 -0.69
N LYS A 216 5.92 13.95 -1.02
CA LYS A 216 4.68 14.08 -1.78
C LYS A 216 4.70 13.42 -3.15
N TRP A 217 5.88 13.34 -3.78
CA TRP A 217 5.97 12.78 -5.13
C TRP A 217 5.82 11.27 -5.14
N TYR A 218 5.97 10.65 -3.98
CA TYR A 218 5.86 9.19 -3.88
C TYR A 218 4.48 8.70 -4.34
N ASP A 219 3.40 9.13 -3.69
CA ASP A 219 2.07 8.69 -4.12
C ASP A 219 1.71 9.21 -5.51
N ILE A 220 2.08 10.44 -5.82
CA ILE A 220 1.84 10.98 -7.16
C ILE A 220 2.46 10.06 -8.23
N ALA A 221 3.69 9.61 -7.99
CA ALA A 221 4.38 8.70 -8.90
C ALA A 221 3.56 7.41 -9.12
N PHE A 222 3.02 6.84 -8.04
CA PHE A 222 2.17 5.64 -8.14
C PHE A 222 0.92 5.89 -8.99
N CYS A 223 0.35 7.08 -8.87
CA CYS A 223 -0.76 7.43 -9.75
C CYS A 223 -0.32 7.45 -11.20
N VAL A 224 0.80 8.11 -11.49
CA VAL A 224 1.27 8.13 -12.86
C VAL A 224 1.45 6.70 -13.38
N ARG A 225 2.04 5.83 -12.56
CA ARG A 225 2.32 4.46 -13.00
C ARG A 225 1.03 3.76 -13.33
N SER A 226 0.05 3.88 -12.44
CA SER A 226 -1.25 3.27 -12.65
C SER A 226 -1.91 3.78 -13.93
N ILE A 227 -1.91 5.10 -14.13
CA ILE A 227 -2.57 5.66 -15.30
C ILE A 227 -1.94 5.11 -16.59
N ARG A 228 -0.60 5.12 -16.65
CA ARG A 228 0.09 4.62 -17.84
C ARG A 228 -0.12 3.12 -18.07
N GLU A 229 -0.17 2.35 -17.00
CA GLU A 229 -0.32 0.89 -17.12
C GLU A 229 -1.75 0.51 -17.43
N ASP A 230 -2.70 1.11 -16.70
CA ASP A 230 -4.10 0.73 -16.82
C ASP A 230 -4.80 1.41 -18.00
N ILE A 231 -4.48 2.68 -18.24
CA ILE A 231 -5.12 3.44 -19.31
C ILE A 231 -4.21 3.65 -20.53
N GLY A 232 -2.95 3.98 -20.28
CA GLY A 232 -1.96 4.03 -21.34
C GLY A 232 -1.88 5.34 -22.09
N GLU A 233 -3.02 5.90 -22.46
CA GLU A 233 -3.06 7.20 -23.12
C GLU A 233 -2.47 8.30 -22.23
N GLU A 234 -1.45 8.98 -22.75
CA GLU A 234 -0.71 9.98 -21.99
C GLU A 234 -1.56 11.23 -21.72
N GLN A 235 -2.53 11.50 -22.59
CA GLN A 235 -3.48 12.59 -22.36
C GLN A 235 -3.97 12.59 -20.91
N TYR A 236 -4.29 11.40 -20.39
CA TYR A 236 -4.86 11.28 -19.07
C TYR A 236 -3.85 11.55 -17.96
N VAL A 237 -2.57 11.36 -18.26
CA VAL A 237 -1.54 11.69 -17.28
C VAL A 237 -1.49 13.20 -17.18
N GLU A 238 -1.55 13.87 -18.33
CA GLU A 238 -1.55 15.32 -18.37
C GLU A 238 -2.76 15.90 -17.65
N LEU A 239 -3.92 15.26 -17.84
CA LEU A 239 -5.12 15.65 -17.14
C LEU A 239 -4.95 15.55 -15.61
N PHE A 240 -4.42 14.42 -15.17
CA PHE A 240 -4.12 14.22 -13.75
C PHE A 240 -3.36 15.41 -13.17
N PHE A 241 -2.29 15.84 -13.84
CA PHE A 241 -1.54 17.00 -13.35
C PHE A 241 -2.31 18.30 -13.45
N ASP A 242 -3.19 18.41 -14.44
CA ASP A 242 -4.11 19.54 -14.55
C ASP A 242 -5.01 19.61 -13.31
N LEU A 243 -5.54 18.47 -12.86
CA LEU A 243 -6.33 18.43 -11.61
C LEU A 243 -5.51 18.77 -10.36
N LEU A 244 -4.24 18.34 -10.34
CA LEU A 244 -3.39 18.59 -9.18
C LEU A 244 -2.96 20.06 -9.14
N GLY A 245 -2.83 20.66 -10.31
CA GLY A 245 -2.47 22.07 -10.39
C GLY A 245 -0.97 22.25 -10.29
N ILE A 246 -0.23 21.21 -10.62
CA ILE A 246 1.23 21.26 -10.61
C ILE A 246 1.82 20.66 -11.89
N LYS A 247 3.05 21.03 -12.18
CA LYS A 247 3.79 20.45 -13.31
C LYS A 247 4.52 19.21 -12.80
N PRO A 248 4.59 18.16 -13.64
CA PRO A 248 5.21 16.92 -13.16
C PRO A 248 6.70 17.11 -12.89
N ASP A 249 7.24 16.32 -11.98
CA ASP A 249 8.68 16.21 -11.82
C ASP A 249 9.12 14.82 -12.25
N TRP A 250 9.39 14.64 -13.54
CA TRP A 250 9.67 13.32 -14.10
C TRP A 250 10.85 12.60 -13.46
N GLU A 251 11.82 13.36 -12.96
CA GLU A 251 12.96 12.77 -12.26
C GLU A 251 12.52 12.11 -10.96
N LYS A 252 11.69 12.81 -10.18
CA LYS A 252 11.21 12.25 -8.91
C LYS A 252 10.21 11.12 -9.16
N ILE A 253 9.35 11.30 -10.16
CA ILE A 253 8.36 10.29 -10.53
C ILE A 253 9.04 8.99 -10.94
N LYS A 254 10.02 9.09 -11.84
CA LYS A 254 10.79 7.92 -12.22
C LYS A 254 11.44 7.28 -11.00
N TYR A 255 12.01 8.10 -10.12
CA TYR A 255 12.71 7.56 -8.95
C TYR A 255 11.84 6.67 -8.06
N TYR A 256 10.67 7.19 -7.68
CA TYR A 256 9.78 6.46 -6.79
C TYR A 256 9.15 5.25 -7.45
N ILE A 257 8.98 5.30 -8.78
CA ILE A 257 8.50 4.12 -9.48
C ILE A 257 9.56 3.03 -9.42
N LEU A 258 10.82 3.41 -9.58
CA LEU A 258 11.92 2.46 -9.47
C LEU A 258 12.05 1.92 -8.04
N LEU A 259 11.84 2.80 -7.06
CA LEU A 259 11.90 2.38 -5.66
C LEU A 259 10.95 1.21 -5.39
N ASP A 260 9.78 1.21 -6.01
CA ASP A 260 8.79 0.20 -5.70
C ASP A 260 9.02 -1.09 -6.48
N GLU A 261 10.02 -1.06 -7.36
CA GLU A 261 10.25 -2.20 -8.24
C GLU A 261 10.43 -3.51 -7.49
N LEU A 262 11.19 -3.48 -6.40
CA LEU A 262 11.60 -4.70 -5.71
C LEU A 262 10.72 -5.02 -4.51
N PHE A 263 9.59 -4.32 -4.38
CA PHE A 263 8.68 -4.54 -3.26
C PHE A 263 7.41 -5.31 -3.64
#